data_1TMX
#
_entry.id   1TMX
#
_cell.length_a   46.283
_cell.length_b   84.978
_cell.length_c   83.923
_cell.angle_alpha   90.00
_cell.angle_beta   92.84
_cell.angle_gamma   90.00
#
_symmetry.space_group_name_H-M   'P 1 21 1'
#
loop_
_entity.id
_entity.type
_entity.pdbx_description
1 polymer 'hydroxyquinol 1,2-dioxygenase'
2 non-polymer 'FE (III) ION'
3 non-polymer 'COPPER (II) ION'
4 non-polymer 'CHLORIDE ION'
5 non-polymer 'SULFATE ION'
6 non-polymer '1-HEPTADECANOYL-2-TRIDECANOYL-3-GLYCEROL-PHOSPHONYL CHOLINE'
7 non-polymer 'BENZOIC ACID'
8 water water
#
_entity_poly.entity_id   1
_entity_poly.type   'polypeptide(L)'
_entity_poly.pdbx_seq_one_letter_code
;MSTPVSAEQQAREQDLVERVLRSFDATADPRLKQVMQALTRHLHAFLREVRLTEAEWETGIGFLTDAGHVTNERRQEFIL
LSDVLGASMQTIAMNNEAHGDATEATVFGPFFVEGSPRIESGGDIAGGAAGEPCWVEGTVTDTDGNPVPDARIEVWEADD
DGFYDVQYDDDRTAARAHLLSGPDGGYAFWAITPTPYPIPHDGPVGRMLAATGRSPMRASHLHFMVTAPGRRTLVTHIFV
EGDELLDRDSVFGVKDSLVKSFERQPAGAPTPGGREIDGPWSRVRFDIVLAPA
;
_entity_poly.pdbx_strand_id   A,B
#
# COMPACT_ATOMS: atom_id res chain seq x y z
CA SER A 2 -18.13 18.21 3.47
C SER A 2 -18.87 19.18 2.58
N THR A 3 -18.15 19.79 1.63
CA THR A 3 -18.78 20.60 0.58
C THR A 3 -19.51 19.66 -0.37
N PRO A 4 -20.80 19.92 -0.65
CA PRO A 4 -21.60 19.04 -1.52
C PRO A 4 -21.04 18.88 -2.95
N VAL A 5 -20.85 17.63 -3.32
CA VAL A 5 -20.33 17.23 -4.63
C VAL A 5 -21.46 17.37 -5.66
N SER A 6 -21.21 18.09 -6.74
CA SER A 6 -22.25 18.30 -7.77
C SER A 6 -22.49 17.00 -8.53
N ALA A 7 -23.61 16.88 -9.24
CA ALA A 7 -23.89 15.65 -10.00
C ALA A 7 -22.88 15.40 -11.12
N GLU A 8 -22.51 16.46 -11.84
CA GLU A 8 -21.48 16.40 -12.86
C GLU A 8 -20.18 15.81 -12.25
N GLN A 9 -19.79 16.31 -11.09
CA GLN A 9 -18.54 15.89 -10.48
C GLN A 9 -18.66 14.43 -10.00
N GLN A 10 -19.80 14.06 -9.43
CA GLN A 10 -19.99 12.67 -8.99
C GLN A 10 -19.87 11.76 -10.22
N ALA A 11 -20.42 12.19 -11.34
CA ALA A 11 -20.44 11.37 -12.55
C ALA A 11 -19.04 11.15 -13.09
N ARG A 12 -18.23 12.20 -13.06
CA ARG A 12 -16.82 12.08 -13.45
C ARG A 12 -16.06 11.08 -12.59
N GLU A 13 -16.26 11.12 -11.25
CA GLU A 13 -15.51 10.23 -10.37
C GLU A 13 -15.96 8.78 -10.59
N GLN A 14 -17.28 8.60 -10.67
CA GLN A 14 -17.87 7.27 -10.96
C GLN A 14 -17.33 6.71 -12.29
N ASP A 15 -17.20 7.57 -13.30
CA ASP A 15 -16.74 7.09 -14.62
C ASP A 15 -15.32 6.58 -14.54
N LEU A 16 -14.52 7.24 -13.71
CA LEU A 16 -13.16 6.79 -13.52
C LEU A 16 -13.13 5.44 -12.83
N VAL A 17 -13.92 5.24 -11.76
CA VAL A 17 -13.89 3.95 -11.09
C VAL A 17 -14.22 2.89 -12.14
N GLU A 18 -15.21 3.21 -12.95
CA GLU A 18 -15.59 2.24 -14.00
C GLU A 18 -14.49 1.91 -15.00
N ARG A 19 -13.70 2.91 -15.41
CA ARG A 19 -12.54 2.72 -16.27
C ARG A 19 -11.53 1.78 -15.62
N VAL A 20 -11.28 1.98 -14.31
CA VAL A 20 -10.28 1.15 -13.64
C VAL A 20 -10.79 -0.29 -13.53
N LEU A 21 -12.08 -0.46 -13.23
CA LEU A 21 -12.57 -1.82 -13.06
C LEU A 21 -12.49 -2.60 -14.36
N ARG A 22 -12.87 -1.96 -15.48
CA ARG A 22 -12.81 -2.67 -16.74
C ARG A 22 -11.36 -2.90 -17.24
N SER A 23 -10.39 -2.12 -16.77
CA SER A 23 -8.98 -2.39 -17.06
C SER A 23 -8.53 -3.81 -16.68
N PHE A 24 -9.20 -4.43 -15.71
CA PHE A 24 -8.88 -5.78 -15.33
C PHE A 24 -9.66 -6.89 -16.05
N ASP A 25 -10.51 -6.51 -16.99
CA ASP A 25 -11.42 -7.52 -17.60
C ASP A 25 -10.71 -8.71 -18.23
N ALA A 26 -9.50 -8.52 -18.74
CA ALA A 26 -8.78 -9.61 -19.42
C ALA A 26 -7.89 -10.46 -18.50
N THR A 27 -7.83 -10.14 -17.20
CA THR A 27 -6.95 -10.84 -16.30
C THR A 27 -7.23 -12.33 -16.43
N ALA A 28 -6.17 -13.13 -16.61
CA ALA A 28 -6.34 -14.59 -16.91
C ALA A 28 -6.76 -15.39 -15.69
N ASP A 29 -6.26 -15.03 -14.50
CA ASP A 29 -6.59 -15.83 -13.32
C ASP A 29 -7.82 -15.19 -12.70
N PRO A 30 -8.96 -15.89 -12.62
CA PRO A 30 -10.21 -15.25 -12.22
C PRO A 30 -10.20 -14.81 -10.74
N ARG A 31 -9.42 -15.50 -9.88
CA ARG A 31 -9.27 -15.05 -8.48
C ARG A 31 -8.48 -13.73 -8.41
N LEU A 32 -7.36 -13.63 -9.18
CA LEU A 32 -6.63 -12.35 -9.26
C LEU A 32 -7.55 -11.25 -9.72
N LYS A 33 -8.37 -11.51 -10.74
CA LYS A 33 -9.27 -10.51 -11.27
C LYS A 33 -10.23 -10.07 -10.18
N GLN A 34 -10.80 -11.05 -9.50
CA GLN A 34 -11.78 -10.76 -8.42
C GLN A 34 -11.14 -9.89 -7.34
N VAL A 35 -9.92 -10.25 -6.96
CA VAL A 35 -9.17 -9.50 -5.94
C VAL A 35 -8.85 -8.08 -6.38
N MET A 36 -8.37 -7.92 -7.61
CA MET A 36 -8.00 -6.59 -8.08
C MET A 36 -9.22 -5.64 -8.25
N GLN A 37 -10.36 -6.19 -8.70
CA GLN A 37 -11.59 -5.41 -8.85
C GLN A 37 -12.15 -4.97 -7.46
N ALA A 38 -12.03 -5.85 -6.48
CA ALA A 38 -12.48 -5.57 -5.13
C ALA A 38 -11.56 -4.53 -4.56
N LEU A 39 -10.24 -4.68 -4.83
CA LEU A 39 -9.29 -3.72 -4.33
C LEU A 39 -9.60 -2.35 -4.92
N THR A 40 -9.90 -2.31 -6.22
CA THR A 40 -10.26 -1.09 -6.90
C THR A 40 -11.45 -0.43 -6.23
N ARG A 41 -12.50 -1.20 -5.97
CA ARG A 41 -13.75 -0.59 -5.52
C ARG A 41 -13.53 -0.01 -4.14
N HIS A 42 -12.83 -0.74 -3.27
CA HIS A 42 -12.60 -0.25 -1.92
C HIS A 42 -11.62 0.91 -1.84
N LEU A 43 -10.62 0.88 -2.72
CA LEU A 43 -9.65 1.97 -2.70
C LEU A 43 -10.36 3.24 -3.18
N HIS A 44 -11.16 3.13 -4.25
CA HIS A 44 -11.86 4.31 -4.72
C HIS A 44 -12.97 4.76 -3.77
N ALA A 45 -13.61 3.82 -3.10
CA ALA A 45 -14.62 4.20 -2.08
C ALA A 45 -13.99 4.95 -0.93
N PHE A 46 -12.81 4.51 -0.49
CA PHE A 46 -12.08 5.24 0.53
C PHE A 46 -11.80 6.65 0.02
N LEU A 47 -11.19 6.75 -1.18
CA LEU A 47 -10.78 8.07 -1.68
C LEU A 47 -11.98 9.03 -1.78
N ARG A 48 -13.08 8.50 -2.29
CA ARG A 48 -14.26 9.32 -2.54
C ARG A 48 -15.04 9.62 -1.29
N GLU A 49 -14.87 8.81 -0.24
CA GLU A 49 -15.54 9.07 1.05
C GLU A 49 -14.88 10.25 1.75
N VAL A 50 -13.54 10.24 1.82
CA VAL A 50 -12.82 11.21 2.60
C VAL A 50 -12.51 12.45 1.78
N ARG A 51 -12.71 12.37 0.46
CA ARG A 51 -12.26 13.47 -0.44
C ARG A 51 -10.81 13.82 -0.20
N LEU A 52 -9.96 12.84 -0.45
CA LEU A 52 -8.53 13.03 -0.22
C LEU A 52 -7.97 14.22 -0.96
N THR A 53 -7.18 15.07 -0.27
CA THR A 53 -6.53 16.18 -0.96
C THR A 53 -5.21 15.75 -1.62
N GLU A 54 -4.70 16.56 -2.53
CA GLU A 54 -3.37 16.26 -3.11
C GLU A 54 -2.26 16.23 -2.06
N ALA A 55 -2.35 17.09 -1.04
CA ALA A 55 -1.27 17.08 -0.03
C ALA A 55 -1.35 15.76 0.75
N GLU A 56 -2.59 15.30 1.00
CA GLU A 56 -2.79 14.04 1.74
C GLU A 56 -2.31 12.82 0.94
N TRP A 57 -2.60 12.84 -0.36
CA TRP A 57 -2.08 11.85 -1.26
C TRP A 57 -0.54 11.83 -1.21
N GLU A 58 0.10 13.00 -1.22
CA GLU A 58 1.55 13.09 -1.11
C GLU A 58 2.04 12.47 0.19
N THR A 59 1.35 12.78 1.29
CA THR A 59 1.67 12.19 2.58
C THR A 59 1.62 10.65 2.50
N GLY A 60 0.54 10.11 1.94
CA GLY A 60 0.44 8.64 1.88
C GLY A 60 1.51 8.02 0.99
N ILE A 61 1.80 8.68 -0.11
CA ILE A 61 2.83 8.19 -1.04
C ILE A 61 4.17 8.19 -0.30
N GLY A 62 4.47 9.27 0.42
CA GLY A 62 5.70 9.40 1.18
C GLY A 62 5.82 8.34 2.28
N PHE A 63 4.71 8.11 2.94
CA PHE A 63 4.61 7.06 3.95
C PHE A 63 4.98 5.70 3.40
N LEU A 64 4.33 5.31 2.29
CA LEU A 64 4.66 4.05 1.66
C LEU A 64 6.13 3.98 1.23
N THR A 65 6.61 5.07 0.65
CA THR A 65 7.98 5.18 0.13
C THR A 65 8.97 5.03 1.30
N ASP A 66 8.68 5.71 2.41
CA ASP A 66 9.54 5.62 3.58
C ASP A 66 9.51 4.20 4.12
N ALA A 67 8.32 3.58 4.14
CA ALA A 67 8.25 2.19 4.57
C ALA A 67 9.10 1.30 3.64
N GLY A 68 9.15 1.67 2.37
CA GLY A 68 9.92 0.85 1.44
C GLY A 68 11.40 0.92 1.70
N HIS A 69 11.87 2.11 2.03
CA HIS A 69 13.27 2.36 2.25
C HIS A 69 13.75 1.72 3.57
N VAL A 70 12.88 1.62 4.59
CA VAL A 70 13.35 1.01 5.86
C VAL A 70 13.25 -0.52 5.88
N THR A 71 12.50 -1.06 4.92
CA THR A 71 12.29 -2.51 4.87
C THR A 71 13.53 -3.24 4.30
N ASN A 72 13.96 -4.26 5.02
CA ASN A 72 15.15 -5.05 4.71
C ASN A 72 14.97 -6.51 5.15
N GLU A 73 16.10 -7.19 5.36
CA GLU A 73 16.16 -8.61 5.72
C GLU A 73 15.34 -8.99 6.95
N ARG A 74 15.48 -8.23 8.03
CA ARG A 74 14.64 -8.47 9.21
C ARG A 74 13.41 -7.52 9.35
N ARG A 75 13.66 -6.22 9.19
CA ARG A 75 12.66 -5.17 9.38
C ARG A 75 11.68 -5.18 8.20
N GLN A 76 10.40 -5.32 8.50
CA GLN A 76 9.42 -5.41 7.44
C GLN A 76 8.33 -4.42 7.81
N GLU A 77 8.46 -3.19 7.33
CA GLU A 77 7.59 -2.13 7.74
C GLU A 77 6.16 -2.28 7.16
N PHE A 78 6.07 -2.90 5.99
CA PHE A 78 4.77 -3.13 5.37
C PHE A 78 4.01 -4.14 6.19
N ILE A 79 4.69 -5.19 6.69
CA ILE A 79 4.04 -6.13 7.58
C ILE A 79 3.64 -5.44 8.89
N LEU A 80 4.46 -4.53 9.40
CA LEU A 80 4.07 -3.84 10.65
C LEU A 80 2.82 -2.96 10.43
N LEU A 81 2.69 -2.40 9.22
CA LEU A 81 1.56 -1.56 8.91
C LEU A 81 0.32 -2.44 8.90
N SER A 82 0.43 -3.58 8.22
CA SER A 82 -0.62 -4.60 8.27
C SER A 82 -0.98 -5.01 9.70
N ASP A 83 0.03 -5.18 10.53
CA ASP A 83 -0.21 -5.50 11.94
C ASP A 83 -1.03 -4.46 12.72
N VAL A 84 -0.60 -3.20 12.63
CA VAL A 84 -1.21 -2.13 13.45
C VAL A 84 -2.56 -1.72 12.94
N LEU A 85 -2.84 -2.09 11.70
CA LEU A 85 -4.16 -1.81 11.13
C LEU A 85 -5.11 -2.98 11.30
N GLY A 86 -4.66 -4.03 11.99
CA GLY A 86 -5.51 -5.19 12.25
C GLY A 86 -5.64 -6.11 11.04
N ALA A 87 -4.98 -5.79 9.92
CA ALA A 87 -5.12 -6.62 8.67
C ALA A 87 -4.47 -8.00 8.86
N SER A 88 -3.42 -8.05 9.66
CA SER A 88 -2.74 -9.35 9.90
C SER A 88 -3.64 -10.25 10.69
N MET A 89 -4.13 -9.75 11.82
CA MET A 89 -5.06 -10.53 12.65
C MET A 89 -6.32 -10.93 11.87
N GLN A 90 -6.82 -10.04 11.01
CA GLN A 90 -8.03 -10.35 10.23
C GLN A 90 -7.76 -11.50 9.24
N THR A 91 -6.58 -11.47 8.67
CA THR A 91 -6.26 -12.47 7.64
C THR A 91 -6.03 -13.79 8.35
N ILE A 92 -5.41 -13.77 9.53
CA ILE A 92 -5.32 -15.01 10.34
C ILE A 92 -6.71 -15.49 10.73
N ALA A 93 -7.59 -14.58 11.17
CA ALA A 93 -8.90 -14.99 11.62
C ALA A 93 -9.72 -15.69 10.50
N MET A 94 -9.71 -15.16 9.27
CA MET A 94 -10.49 -15.71 8.15
C MET A 94 -9.99 -17.06 7.69
N ASN A 95 -8.70 -17.32 7.91
CA ASN A 95 -8.08 -18.55 7.40
C ASN A 95 -7.84 -19.62 8.45
N ASN A 96 -8.11 -19.30 9.70
CA ASN A 96 -7.78 -20.17 10.82
C ASN A 96 -8.93 -20.29 11.77
N GLU A 97 -10.15 -20.38 11.25
CA GLU A 97 -11.29 -20.57 12.12
C GLU A 97 -11.08 -21.85 12.95
N ALA A 98 -11.17 -21.74 14.27
CA ALA A 98 -10.82 -22.89 15.08
C ALA A 98 -12.10 -23.68 15.36
N HIS A 99 -12.13 -24.92 14.92
CA HIS A 99 -13.28 -25.76 15.24
C HIS A 99 -12.96 -26.71 16.37
N GLY A 100 -14.00 -26.94 17.17
CA GLY A 100 -13.94 -27.82 18.31
C GLY A 100 -12.98 -27.26 19.35
N ASP A 101 -12.03 -28.08 19.73
CA ASP A 101 -11.08 -27.66 20.75
C ASP A 101 -9.83 -27.03 20.19
N ALA A 102 -9.74 -26.81 18.87
CA ALA A 102 -8.44 -26.44 18.26
C ALA A 102 -7.94 -25.12 18.89
N THR A 103 -6.66 -25.07 19.22
CA THR A 103 -6.06 -23.82 19.72
C THR A 103 -6.20 -22.73 18.65
N GLU A 104 -6.57 -21.53 19.12
CA GLU A 104 -6.59 -20.32 18.26
C GLU A 104 -5.22 -19.81 17.80
N ALA A 105 -5.16 -19.32 16.56
CA ALA A 105 -3.94 -18.82 15.99
C ALA A 105 -3.89 -17.32 16.21
N THR A 106 -2.69 -16.74 16.10
CA THR A 106 -2.57 -15.28 16.13
C THR A 106 -1.34 -14.84 15.36
N VAL A 107 -0.97 -13.55 15.45
CA VAL A 107 0.14 -13.05 14.64
C VAL A 107 1.51 -13.70 14.88
N PHE A 108 2.29 -13.76 13.81
CA PHE A 108 3.61 -14.35 13.74
C PHE A 108 4.69 -13.38 14.25
N GLY A 109 4.67 -12.17 13.70
CA GLY A 109 5.71 -11.21 13.94
C GLY A 109 6.94 -11.54 13.14
N PRO A 110 7.96 -10.70 13.32
CA PRO A 110 9.21 -10.76 12.54
C PRO A 110 10.36 -11.47 13.21
N PHE A 111 10.19 -12.00 14.42
CA PHE A 111 11.36 -12.45 15.19
C PHE A 111 11.50 -13.97 15.27
N PHE A 112 10.85 -14.68 14.36
CA PHE A 112 11.09 -16.11 14.21
C PHE A 112 12.37 -16.31 13.40
N VAL A 113 13.21 -17.23 13.86
CA VAL A 113 14.44 -17.55 13.15
C VAL A 113 14.48 -19.04 12.85
N GLU A 114 14.83 -19.37 11.62
CA GLU A 114 14.99 -20.75 11.24
C GLU A 114 16.29 -21.24 11.84
N GLY A 115 16.31 -22.49 12.26
CA GLY A 115 17.51 -23.07 12.83
C GLY A 115 17.65 -22.94 14.32
N SER A 116 16.53 -22.73 15.02
CA SER A 116 16.57 -22.64 16.47
C SER A 116 17.25 -23.87 17.05
N PRO A 117 17.91 -23.73 18.21
CA PRO A 117 18.56 -24.85 18.89
C PRO A 117 17.54 -25.86 19.34
N ARG A 118 17.94 -27.14 19.44
CA ARG A 118 17.05 -28.22 19.85
C ARG A 118 17.22 -28.49 21.33
N ILE A 119 16.13 -28.49 22.05
CA ILE A 119 16.23 -28.84 23.44
C ILE A 119 15.39 -30.06 23.70
N GLU A 120 15.61 -30.67 24.85
CA GLU A 120 14.80 -31.77 25.30
C GLU A 120 13.78 -31.23 26.26
N SER A 121 12.75 -32.01 26.50
CA SER A 121 11.79 -31.64 27.52
C SER A 121 12.46 -31.47 28.87
N GLY A 122 12.11 -30.39 29.57
CA GLY A 122 12.73 -30.08 30.84
C GLY A 122 14.02 -29.31 30.65
N GLY A 123 14.36 -29.03 29.40
CA GLY A 123 15.47 -28.17 29.06
C GLY A 123 15.13 -26.71 29.34
N ASP A 124 15.97 -25.83 28.84
CA ASP A 124 15.88 -24.40 29.19
C ASP A 124 16.19 -23.60 27.96
N ILE A 125 15.24 -22.76 27.54
CA ILE A 125 15.44 -21.97 26.33
C ILE A 125 16.14 -20.62 26.58
N ALA A 126 16.29 -20.22 27.84
CA ALA A 126 16.80 -18.88 28.17
C ALA A 126 18.15 -18.60 27.50
N GLY A 127 19.09 -19.56 27.59
CA GLY A 127 20.36 -19.46 26.89
C GLY A 127 21.11 -18.14 27.08
N GLY A 128 21.09 -17.62 28.30
CA GLY A 128 21.76 -16.37 28.61
C GLY A 128 20.78 -15.22 28.89
N ALA A 129 19.57 -15.34 28.33
CA ALA A 129 18.63 -14.21 28.36
C ALA A 129 18.24 -13.90 29.78
N ALA A 130 18.22 -12.61 30.11
CA ALA A 130 17.86 -12.17 31.45
C ALA A 130 16.35 -12.16 31.58
N GLY A 131 15.88 -12.59 32.75
CA GLY A 131 14.46 -12.64 33.08
C GLY A 131 14.15 -13.60 34.21
N GLU A 132 12.97 -13.48 34.80
CA GLU A 132 12.53 -14.41 35.82
C GLU A 132 12.25 -15.78 35.19
N PRO A 133 12.76 -16.84 35.82
CA PRO A 133 12.52 -18.21 35.33
C PRO A 133 11.05 -18.52 35.32
N CYS A 134 10.62 -19.16 34.25
CA CYS A 134 9.22 -19.50 34.08
C CYS A 134 9.21 -20.92 33.57
N TRP A 135 8.49 -21.79 34.25
CA TRP A 135 8.36 -23.18 33.80
C TRP A 135 7.09 -23.31 32.96
N VAL A 136 7.25 -23.82 31.74
CA VAL A 136 6.13 -23.92 30.79
C VAL A 136 5.92 -25.42 30.53
N GLU A 137 4.71 -25.87 30.72
CA GLU A 137 4.40 -27.27 30.40
C GLU A 137 3.04 -27.46 29.73
N GLY A 138 2.90 -28.55 29.00
CA GLY A 138 1.54 -28.94 28.60
C GLY A 138 1.55 -30.19 27.75
N THR A 139 0.45 -30.38 27.02
CA THR A 139 0.25 -31.57 26.19
C THR A 139 -0.22 -31.19 24.79
N VAL A 140 0.34 -31.77 23.72
CA VAL A 140 -0.22 -31.61 22.36
C VAL A 140 -1.18 -32.75 22.05
N THR A 141 -2.41 -32.42 21.66
CA THR A 141 -3.36 -33.41 21.20
C THR A 141 -3.91 -33.00 19.84
N ASP A 142 -4.49 -33.97 19.13
CA ASP A 142 -5.37 -33.59 17.99
C ASP A 142 -6.82 -33.33 18.38
N THR A 143 -7.64 -32.92 17.41
CA THR A 143 -9.02 -32.61 17.69
C THR A 143 -9.86 -33.88 17.96
N ASP A 144 -9.29 -35.07 17.71
CA ASP A 144 -9.98 -36.33 18.09
C ASP A 144 -9.56 -36.80 19.50
N GLY A 145 -8.77 -35.97 20.18
CA GLY A 145 -8.34 -36.26 21.54
C GLY A 145 -7.11 -37.13 21.67
N ASN A 146 -6.43 -37.48 20.57
CA ASN A 146 -5.25 -38.32 20.65
C ASN A 146 -4.07 -37.42 21.00
N PRO A 147 -3.22 -37.80 21.96
CA PRO A 147 -1.92 -37.17 22.15
C PRO A 147 -1.14 -37.29 20.85
N VAL A 148 -0.33 -36.28 20.55
CA VAL A 148 0.45 -36.27 19.31
C VAL A 148 1.91 -36.23 19.71
N PRO A 149 2.57 -37.40 19.73
CA PRO A 149 4.02 -37.46 19.98
C PRO A 149 4.79 -36.88 18.81
N ASP A 150 6.02 -36.43 19.02
CA ASP A 150 6.86 -35.88 17.94
C ASP A 150 6.30 -34.68 17.08
N ALA A 151 5.38 -33.91 17.65
CA ALA A 151 5.03 -32.61 17.11
C ALA A 151 6.21 -31.69 17.42
N ARG A 152 6.56 -30.86 16.45
CA ARG A 152 7.66 -29.91 16.56
C ARG A 152 7.09 -28.62 17.17
N ILE A 153 7.67 -28.23 18.31
CA ILE A 153 7.18 -27.05 19.00
C ILE A 153 8.30 -26.01 18.98
N GLU A 154 8.12 -24.95 18.16
CA GLU A 154 9.02 -23.78 18.18
C GLU A 154 8.51 -22.77 19.18
N VAL A 155 9.41 -22.26 20.02
CA VAL A 155 9.04 -21.28 21.04
C VAL A 155 10.04 -20.12 20.91
N TRP A 156 9.57 -18.90 21.04
CA TRP A 156 10.49 -17.74 21.11
C TRP A 156 9.84 -16.58 21.84
N GLU A 157 10.68 -15.71 22.43
CA GLU A 157 10.17 -14.63 23.27
C GLU A 157 11.29 -13.59 23.44
N ALA A 158 10.88 -12.42 23.87
CA ALA A 158 11.82 -11.34 24.17
C ALA A 158 12.38 -11.50 25.57
N ASP A 159 13.56 -10.91 25.78
CA ASP A 159 14.15 -10.90 27.09
C ASP A 159 13.56 -9.76 27.95
N ASP A 160 14.13 -9.57 29.13
CA ASP A 160 13.62 -8.56 30.04
C ASP A 160 13.78 -7.14 29.55
N ASP A 161 14.65 -6.89 28.58
CA ASP A 161 14.81 -5.55 28.06
C ASP A 161 13.91 -5.33 26.84
N GLY A 162 13.17 -6.39 26.52
CA GLY A 162 12.17 -6.38 25.48
C GLY A 162 12.72 -6.71 24.12
N PHE A 163 13.86 -7.42 24.06
CA PHE A 163 14.50 -7.70 22.75
C PHE A 163 14.60 -9.18 22.47
N TYR A 164 14.36 -9.55 21.21
CA TYR A 164 14.59 -10.92 20.74
C TYR A 164 16.09 -11.08 20.45
N ASP A 165 16.60 -12.29 20.59
CA ASP A 165 18.07 -12.49 20.40
C ASP A 165 18.60 -11.91 19.07
N VAL A 166 17.80 -12.06 18.01
CA VAL A 166 18.20 -11.67 16.68
C VAL A 166 18.39 -10.15 16.59
N GLN A 167 17.87 -9.42 17.59
CA GLN A 167 17.96 -7.97 17.52
C GLN A 167 19.34 -7.49 17.95
N TYR A 168 20.07 -8.32 18.69
CA TYR A 168 21.45 -8.02 19.10
C TYR A 168 22.38 -8.23 17.91
N ASP A 169 23.58 -7.67 17.99
CA ASP A 169 24.49 -7.69 16.84
C ASP A 169 25.68 -8.63 17.06
N ASP A 170 25.63 -9.46 18.10
CA ASP A 170 26.74 -10.36 18.38
C ASP A 170 26.41 -11.82 18.07
N ASP A 171 25.45 -12.02 17.16
CA ASP A 171 24.98 -13.37 16.76
C ASP A 171 24.70 -14.30 17.93
N ARG A 172 24.08 -13.78 18.99
CA ARG A 172 23.78 -14.64 20.12
C ARG A 172 22.52 -15.45 19.81
N THR A 173 22.35 -16.50 20.58
CA THR A 173 21.10 -17.27 20.55
C THR A 173 20.57 -17.32 21.96
N ALA A 174 19.31 -16.91 22.16
CA ALA A 174 18.72 -16.86 23.48
C ALA A 174 17.20 -16.77 23.39
N ALA A 175 16.55 -17.32 24.41
CA ALA A 175 15.10 -17.28 24.56
C ALA A 175 14.38 -17.80 23.31
N ARG A 176 15.00 -18.79 22.67
CA ARG A 176 14.33 -19.50 21.59
C ARG A 176 14.90 -20.90 21.48
N ALA A 177 14.04 -21.81 21.07
CA ALA A 177 14.45 -23.20 20.87
C ALA A 177 13.32 -23.95 20.22
N HIS A 178 13.54 -25.24 19.94
CA HIS A 178 12.39 -26.06 19.63
C HIS A 178 12.58 -27.37 20.35
N LEU A 179 11.46 -28.07 20.55
CA LEU A 179 11.48 -29.38 21.14
C LEU A 179 10.39 -30.20 20.52
N LEU A 180 10.38 -31.48 20.85
CA LEU A 180 9.40 -32.42 20.28
C LEU A 180 8.56 -33.00 21.38
N SER A 181 7.25 -33.10 21.15
CA SER A 181 6.40 -33.60 22.18
C SER A 181 6.82 -35.05 22.42
N GLY A 182 6.61 -35.50 23.65
CA GLY A 182 6.92 -36.88 24.07
C GLY A 182 5.78 -37.86 23.71
N PRO A 183 5.87 -39.11 24.20
CA PRO A 183 4.93 -40.18 23.82
C PRO A 183 3.48 -39.96 24.26
N ASP A 184 3.28 -39.22 25.34
CA ASP A 184 1.98 -38.89 25.85
C ASP A 184 1.56 -37.48 25.37
N GLY A 185 2.29 -36.98 24.40
CA GLY A 185 2.04 -35.65 23.85
C GLY A 185 2.66 -34.51 24.64
N GLY A 186 3.42 -34.86 25.68
CA GLY A 186 3.89 -33.88 26.65
C GLY A 186 5.08 -33.07 26.20
N TYR A 187 5.15 -31.84 26.74
CA TYR A 187 6.32 -30.98 26.53
C TYR A 187 6.50 -30.14 27.78
N ALA A 188 7.73 -29.75 28.05
CA ALA A 188 7.98 -28.79 29.11
C ALA A 188 9.33 -28.19 28.90
N PHE A 189 9.53 -27.00 29.47
CA PHE A 189 10.81 -26.31 29.33
C PHE A 189 10.81 -25.12 30.28
N TRP A 190 12.03 -24.71 30.63
CA TRP A 190 12.26 -23.46 31.33
C TRP A 190 12.36 -22.33 30.27
N ALA A 191 11.78 -21.18 30.60
CA ALA A 191 11.86 -20.00 29.75
C ALA A 191 11.91 -18.84 30.70
N ILE A 192 11.58 -17.65 30.22
CA ILE A 192 11.46 -16.53 31.16
C ILE A 192 10.06 -15.95 31.09
N THR A 193 9.61 -15.45 32.22
CA THR A 193 8.30 -14.82 32.26
C THR A 193 8.27 -13.66 31.25
N PRO A 194 7.32 -13.70 30.33
CA PRO A 194 7.24 -12.67 29.28
C PRO A 194 6.82 -11.34 29.86
N THR A 195 7.34 -10.27 29.27
CA THR A 195 6.93 -8.90 29.64
C THR A 195 6.74 -8.04 28.35
N PRO A 196 5.98 -6.97 28.50
CA PRO A 196 5.61 -6.10 27.37
C PRO A 196 6.82 -5.45 26.71
N TYR A 197 6.75 -5.23 25.39
CA TYR A 197 7.80 -4.54 24.65
C TYR A 197 7.12 -3.79 23.50
N PRO A 198 7.73 -2.74 23.00
CA PRO A 198 7.18 -2.06 21.82
C PRO A 198 7.60 -2.70 20.50
N ILE A 199 6.67 -2.75 19.54
CA ILE A 199 7.05 -3.02 18.16
C ILE A 199 8.01 -1.95 17.60
N PRO A 200 8.71 -2.25 16.50
CA PRO A 200 9.65 -1.29 15.90
C PRO A 200 8.88 0.01 15.59
N HIS A 201 9.30 1.14 16.17
CA HIS A 201 8.49 2.33 16.10
C HIS A 201 9.31 3.57 15.71
N ASP A 202 10.46 3.35 15.07
CA ASP A 202 11.28 4.48 14.62
C ASP A 202 11.10 4.74 13.13
N GLY A 203 10.10 4.09 12.52
CA GLY A 203 9.83 4.22 11.09
C GLY A 203 8.45 4.83 10.87
N PRO A 204 7.92 4.73 9.65
CA PRO A 204 6.61 5.35 9.38
C PRO A 204 5.49 4.84 10.27
N VAL A 205 5.51 3.54 10.57
CA VAL A 205 4.48 2.97 11.42
C VAL A 205 4.53 3.66 12.79
N GLY A 206 5.73 3.80 13.36
CA GLY A 206 5.90 4.56 14.61
C GLY A 206 5.37 5.99 14.56
N ARG A 207 5.58 6.68 13.43
CA ARG A 207 5.08 8.05 13.23
C ARG A 207 3.59 8.11 13.19
N MET A 208 2.97 7.13 12.52
CA MET A 208 1.53 7.06 12.48
C MET A 208 0.97 6.78 13.88
N LEU A 209 1.52 5.79 14.58
CA LEU A 209 1.12 5.57 15.96
C LEU A 209 1.27 6.84 16.82
N ALA A 210 2.39 7.52 16.72
CA ALA A 210 2.57 8.76 17.54
C ALA A 210 1.50 9.80 17.19
N ALA A 211 1.29 10.03 15.89
CA ALA A 211 0.30 11.03 15.44
C ALA A 211 -1.14 10.73 15.85
N THR A 212 -1.46 9.43 16.04
CA THR A 212 -2.81 9.03 16.43
C THR A 212 -2.96 8.76 17.92
N GLY A 213 -1.89 9.02 18.68
CA GLY A 213 -1.88 8.86 20.15
C GLY A 213 -1.96 7.40 20.60
N ARG A 214 -1.50 6.51 19.72
CA ARG A 214 -1.45 5.08 19.98
C ARG A 214 -0.06 4.69 20.42
N SER A 215 -0.01 3.60 21.15
CA SER A 215 1.25 3.06 21.69
C SER A 215 1.75 1.91 20.83
N PRO A 216 3.06 1.78 20.66
CA PRO A 216 3.64 0.60 19.99
C PRO A 216 3.67 -0.64 20.89
N MET A 217 3.25 -0.52 22.15
CA MET A 217 3.49 -1.61 23.10
C MET A 217 2.63 -2.83 22.82
N ARG A 218 3.24 -4.02 22.89
CA ARG A 218 2.52 -5.29 22.87
C ARG A 218 2.27 -5.83 24.28
N ALA A 219 1.12 -6.48 24.46
CA ALA A 219 0.88 -7.27 25.65
C ALA A 219 1.94 -8.39 25.74
N SER A 220 2.31 -8.78 26.97
CA SER A 220 3.31 -9.85 27.23
C SER A 220 2.93 -11.14 26.52
N HIS A 221 3.87 -11.79 25.88
CA HIS A 221 3.54 -13.14 25.29
C HIS A 221 4.75 -14.01 25.05
N LEU A 222 4.50 -15.32 24.90
CA LEU A 222 5.46 -16.29 24.44
C LEU A 222 4.92 -16.86 23.13
N HIS A 223 5.74 -16.89 22.10
CA HIS A 223 5.31 -17.44 20.82
C HIS A 223 5.50 -18.92 20.72
N PHE A 224 4.59 -19.52 19.94
CA PHE A 224 4.57 -20.97 19.67
C PHE A 224 4.26 -21.15 18.19
N MET A 225 5.04 -21.99 17.52
CA MET A 225 4.60 -22.50 16.24
C MET A 225 4.76 -24.01 16.29
N VAL A 226 3.64 -24.69 16.04
CA VAL A 226 3.55 -26.12 16.26
C VAL A 226 3.18 -26.79 14.94
N THR A 227 3.98 -27.76 14.54
CA THR A 227 3.70 -28.53 13.31
C THR A 227 3.69 -30.00 13.59
N ALA A 228 2.87 -30.69 12.82
CA ALA A 228 2.81 -32.15 12.86
C ALA A 228 2.21 -32.64 11.54
N PRO A 229 2.59 -33.82 11.10
CA PRO A 229 2.11 -34.36 9.82
C PRO A 229 0.57 -34.42 9.73
N GLY A 230 -0.01 -33.79 8.72
CA GLY A 230 -1.45 -33.82 8.49
C GLY A 230 -2.29 -32.87 9.36
N ARG A 231 -1.60 -32.10 10.19
CA ARG A 231 -2.24 -31.12 11.04
C ARG A 231 -2.06 -29.73 10.46
N ARG A 232 -2.99 -28.85 10.75
CA ARG A 232 -2.83 -27.47 10.27
C ARG A 232 -1.79 -26.84 11.14
N THR A 233 -0.76 -26.22 10.55
CA THR A 233 0.31 -25.62 11.33
C THR A 233 -0.32 -24.57 12.23
N LEU A 234 0.06 -24.52 13.49
CA LEU A 234 -0.46 -23.54 14.42
C LEU A 234 0.61 -22.45 14.70
N VAL A 235 0.29 -21.21 14.37
CA VAL A 235 1.12 -20.04 14.78
C VAL A 235 0.30 -19.28 15.85
N THR A 236 0.85 -19.12 17.05
CA THR A 236 0.10 -18.57 18.13
C THR A 236 1.06 -17.99 19.16
N HIS A 237 0.49 -17.42 20.20
CA HIS A 237 1.22 -17.13 21.42
C HIS A 237 0.33 -17.13 22.61
N ILE A 238 0.93 -17.22 23.79
CA ILE A 238 0.08 -17.14 25.00
C ILE A 238 0.34 -15.86 25.77
N PHE A 239 -0.70 -15.31 26.36
CA PHE A 239 -0.61 -14.02 27.03
C PHE A 239 -0.71 -14.29 28.52
N VAL A 240 -0.44 -13.24 29.28
CA VAL A 240 -0.36 -13.30 30.74
C VAL A 240 -1.63 -12.72 31.37
N GLU A 241 -2.39 -13.57 32.07
CA GLU A 241 -3.61 -13.10 32.74
C GLU A 241 -3.27 -11.98 33.71
N GLY A 242 -4.10 -10.95 33.70
CA GLY A 242 -3.86 -9.78 34.53
C GLY A 242 -3.04 -8.67 33.90
N ASP A 243 -2.42 -8.92 32.73
CA ASP A 243 -1.56 -7.92 32.10
C ASP A 243 -2.44 -6.75 31.66
N GLU A 244 -2.07 -5.53 32.05
CA GLU A 244 -2.96 -4.41 31.82
C GLU A 244 -3.06 -4.05 30.34
N LEU A 245 -2.11 -4.54 29.52
CA LEU A 245 -2.12 -4.24 28.09
C LEU A 245 -3.04 -5.16 27.27
N LEU A 246 -3.67 -6.14 27.90
CA LEU A 246 -4.47 -7.11 27.14
C LEU A 246 -5.60 -6.50 26.27
N ASP A 247 -6.05 -5.29 26.60
CA ASP A 247 -7.11 -4.66 25.82
C ASP A 247 -6.63 -3.57 24.89
N ARG A 248 -5.30 -3.47 24.75
CA ARG A 248 -4.72 -2.43 23.91
C ARG A 248 -3.45 -2.91 23.21
N ASP A 249 -3.39 -4.22 22.91
CA ASP A 249 -2.24 -4.74 22.18
C ASP A 249 -2.11 -3.99 20.87
N SER A 250 -0.89 -3.53 20.56
CA SER A 250 -0.68 -2.65 19.41
C SER A 250 -0.99 -3.34 18.05
N VAL A 251 -0.93 -4.67 18.04
CA VAL A 251 -1.26 -5.45 16.83
C VAL A 251 -2.54 -6.33 16.91
N PHE A 252 -3.38 -6.05 17.91
CA PHE A 252 -4.68 -6.70 18.13
C PHE A 252 -4.57 -8.24 18.12
N GLY A 253 -3.51 -8.73 18.77
CA GLY A 253 -3.23 -10.16 18.69
C GLY A 253 -3.84 -10.98 19.80
N VAL A 254 -4.53 -10.32 20.72
CA VAL A 254 -5.07 -11.01 21.90
C VAL A 254 -6.36 -11.77 21.64
N LYS A 255 -6.40 -13.02 22.09
CA LYS A 255 -7.66 -13.76 22.21
C LYS A 255 -7.80 -14.31 23.60
N ASP A 256 -9.02 -14.24 24.16
CA ASP A 256 -9.19 -14.62 25.56
C ASP A 256 -8.72 -16.03 25.84
N SER A 257 -8.89 -16.94 24.88
CA SER A 257 -8.61 -18.33 25.11
C SER A 257 -7.10 -18.60 25.15
N LEU A 258 -6.31 -17.59 24.75
CA LEU A 258 -4.85 -17.68 24.73
C LEU A 258 -4.23 -16.98 25.94
N VAL A 259 -5.06 -16.36 26.77
CA VAL A 259 -4.59 -15.75 28.01
C VAL A 259 -4.43 -16.87 29.08
N LYS A 260 -3.23 -17.01 29.64
CA LYS A 260 -2.93 -18.09 30.60
C LYS A 260 -2.52 -17.51 31.94
N SER A 261 -2.85 -18.24 32.99
CA SER A 261 -2.46 -17.84 34.35
C SER A 261 -0.98 -18.19 34.54
N PHE A 262 -0.12 -17.17 34.59
CA PHE A 262 1.28 -17.35 34.92
C PHE A 262 1.41 -17.23 36.45
N GLU A 263 1.64 -18.34 37.13
CA GLU A 263 1.44 -18.35 38.57
C GLU A 263 2.79 -18.16 39.30
N ARG A 264 2.89 -17.06 40.04
CA ARG A 264 4.19 -16.72 40.64
C ARG A 264 4.34 -17.66 41.82
N GLN A 265 5.56 -18.18 42.00
CA GLN A 265 5.90 -19.01 43.14
C GLN A 265 6.81 -18.25 44.10
N PRO A 266 6.60 -18.47 45.39
CA PRO A 266 7.53 -17.98 46.43
C PRO A 266 9.03 -18.11 46.08
N ALA A 267 9.84 -17.15 46.55
CA ALA A 267 11.28 -17.36 46.59
C ALA A 267 11.53 -18.57 47.54
N GLY A 268 12.35 -19.52 47.09
CA GLY A 268 12.57 -20.77 47.81
C GLY A 268 11.59 -21.92 47.53
N ALA A 269 10.45 -21.60 46.90
CA ALA A 269 9.43 -22.61 46.51
C ALA A 269 10.02 -23.79 45.69
N PRO A 270 9.49 -25.02 45.85
CA PRO A 270 10.09 -26.21 45.22
C PRO A 270 9.82 -26.35 43.72
N THR A 271 10.89 -26.62 42.97
CA THR A 271 10.92 -26.40 41.53
C THR A 271 10.95 -27.71 40.75
N PRO A 272 10.38 -27.69 39.53
CA PRO A 272 10.46 -28.83 38.62
C PRO A 272 11.89 -29.17 38.32
N GLY A 273 12.27 -30.42 38.53
CA GLY A 273 13.61 -30.87 38.21
C GLY A 273 14.58 -30.39 39.27
N GLY A 274 14.08 -29.70 40.28
CA GLY A 274 14.89 -29.32 41.44
C GLY A 274 15.82 -28.15 41.20
N ARG A 275 15.59 -27.39 40.13
CA ARG A 275 16.42 -26.22 39.75
C ARG A 275 16.55 -25.29 40.92
N GLU A 276 17.74 -24.71 41.10
CA GLU A 276 17.93 -23.79 42.23
C GLU A 276 17.70 -22.35 41.73
N ILE A 277 16.80 -21.62 42.37
CA ILE A 277 16.45 -20.28 41.86
C ILE A 277 16.61 -19.24 42.93
N ASP A 278 17.30 -18.15 42.58
CA ASP A 278 17.40 -16.97 43.43
C ASP A 278 16.13 -16.11 43.36
N GLY A 279 15.24 -16.28 44.33
CA GLY A 279 14.02 -15.49 44.37
C GLY A 279 12.86 -16.08 43.57
N PRO A 280 11.91 -15.25 43.17
CA PRO A 280 10.67 -15.77 42.58
C PRO A 280 10.84 -16.45 41.23
N TRP A 281 9.88 -17.32 40.94
CA TRP A 281 9.80 -17.94 39.62
C TRP A 281 8.33 -18.22 39.36
N SER A 282 7.97 -18.40 38.07
CA SER A 282 6.58 -18.62 37.70
C SER A 282 6.43 -19.95 36.94
N ARG A 283 5.19 -20.39 36.82
CA ARG A 283 4.89 -21.56 36.03
C ARG A 283 3.55 -21.33 35.30
N VAL A 284 3.42 -22.00 34.16
CA VAL A 284 2.22 -21.80 33.34
C VAL A 284 1.96 -23.09 32.60
N ARG A 285 0.69 -23.35 32.33
CA ARG A 285 0.29 -24.56 31.63
C ARG A 285 -0.33 -24.17 30.31
N PHE A 286 0.06 -24.82 29.22
CA PHE A 286 -0.55 -24.55 27.89
C PHE A 286 -0.75 -25.87 27.14
N ASP A 287 -2.01 -26.33 27.08
CA ASP A 287 -2.35 -27.53 26.33
C ASP A 287 -2.76 -27.09 24.94
N ILE A 288 -2.23 -27.79 23.93
CA ILE A 288 -2.31 -27.36 22.54
C ILE A 288 -3.12 -28.42 21.79
N VAL A 289 -4.09 -27.98 21.00
CA VAL A 289 -4.92 -28.92 20.25
C VAL A 289 -4.79 -28.59 18.76
N LEU A 290 -4.32 -29.57 17.97
CA LEU A 290 -4.08 -29.36 16.56
C LEU A 290 -5.22 -29.89 15.69
N ALA A 291 -5.70 -29.06 14.75
CA ALA A 291 -6.76 -29.43 13.77
C ALA A 291 -6.20 -30.13 12.55
N PRO A 292 -7.06 -30.77 11.75
CA PRO A 292 -6.66 -31.36 10.46
C PRO A 292 -6.17 -30.31 9.47
N ALA A 293 -5.17 -30.66 8.67
CA ALA A 293 -4.72 -29.75 7.59
C ALA A 293 -5.85 -29.50 6.58
N PRO B 4 -21.36 -18.48 3.35
CA PRO B 4 -20.40 -19.49 3.85
C PRO B 4 -19.80 -19.17 5.22
N VAL B 5 -19.83 -17.89 5.64
CA VAL B 5 -19.30 -17.46 6.94
C VAL B 5 -20.33 -17.59 8.07
N SER B 6 -19.98 -18.28 9.15
CA SER B 6 -20.88 -18.40 10.29
C SER B 6 -21.22 -17.07 10.94
N ALA B 7 -22.37 -17.03 11.62
CA ALA B 7 -22.76 -15.92 12.49
C ALA B 7 -21.63 -15.53 13.45
N GLU B 8 -21.09 -16.54 14.15
CA GLU B 8 -20.04 -16.36 15.15
C GLU B 8 -18.76 -15.77 14.53
N GLN B 9 -18.40 -16.28 13.36
CA GLN B 9 -17.20 -15.82 12.66
C GLN B 9 -17.40 -14.40 12.14
N GLN B 10 -18.61 -14.10 11.67
CA GLN B 10 -18.88 -12.74 11.22
C GLN B 10 -18.78 -11.70 12.33
N ALA B 11 -19.34 -12.05 13.48
CA ALA B 11 -19.25 -11.20 14.66
C ALA B 11 -17.78 -11.00 15.08
N ARG B 12 -16.98 -12.07 15.04
CA ARG B 12 -15.55 -12.00 15.37
C ARG B 12 -14.83 -11.01 14.45
N GLU B 13 -15.14 -11.08 13.16
CA GLU B 13 -14.49 -10.18 12.20
C GLU B 13 -14.91 -8.75 12.41
N GLN B 14 -16.22 -8.53 12.61
CA GLN B 14 -16.65 -7.13 12.80
C GLN B 14 -16.15 -6.52 14.11
N ASP B 15 -16.00 -7.36 15.14
CA ASP B 15 -15.52 -6.87 16.41
C ASP B 15 -14.06 -6.45 16.30
N LEU B 16 -13.29 -7.16 15.50
CA LEU B 16 -11.90 -6.77 15.25
C LEU B 16 -11.87 -5.43 14.55
N VAL B 17 -12.67 -5.26 13.50
CA VAL B 17 -12.74 -3.92 12.87
C VAL B 17 -13.08 -2.86 13.91
N GLU B 18 -14.11 -3.10 14.72
CA GLU B 18 -14.49 -2.13 15.75
C GLU B 18 -13.30 -1.80 16.68
N ARG B 19 -12.54 -2.82 17.08
CA ARG B 19 -11.44 -2.55 18.01
C ARG B 19 -10.35 -1.67 17.36
N VAL B 20 -10.05 -1.91 16.09
CA VAL B 20 -9.04 -1.11 15.40
C VAL B 20 -9.56 0.37 15.27
N LEU B 21 -10.85 0.53 14.97
CA LEU B 21 -11.43 1.88 14.80
C LEU B 21 -11.31 2.62 16.12
N ARG B 22 -11.68 1.94 17.21
CA ARG B 22 -11.55 2.56 18.54
C ARG B 22 -10.11 2.91 18.92
N SER B 23 -9.10 2.20 18.40
CA SER B 23 -7.71 2.49 18.70
C SER B 23 -7.28 3.89 18.24
N PHE B 24 -8.03 4.48 17.31
CA PHE B 24 -7.76 5.84 16.84
C PHE B 24 -8.51 6.95 17.60
N ASP B 25 -9.33 6.60 18.60
CA ASP B 25 -10.22 7.62 19.24
C ASP B 25 -9.52 8.78 19.91
N ALA B 26 -8.24 8.63 20.20
CA ALA B 26 -7.50 9.69 20.89
C ALA B 26 -6.67 10.52 19.94
N THR B 27 -6.82 10.30 18.63
CA THR B 27 -6.05 11.16 17.73
C THR B 27 -6.50 12.62 17.78
N ALA B 28 -5.51 13.47 17.97
CA ALA B 28 -5.72 14.88 18.25
C ALA B 28 -6.36 15.60 17.06
N ASP B 29 -5.77 15.42 15.86
CA ASP B 29 -6.30 16.01 14.60
C ASP B 29 -7.56 15.26 14.14
N PRO B 30 -8.68 15.96 14.05
CA PRO B 30 -9.94 15.31 13.67
C PRO B 30 -9.93 14.76 12.24
N ARG B 31 -9.18 15.41 11.35
CA ARG B 31 -9.07 14.96 9.95
C ARG B 31 -8.25 13.67 9.83
N LEU B 32 -7.11 13.63 10.50
CA LEU B 32 -6.31 12.39 10.57
C LEU B 32 -7.15 11.24 11.14
N LYS B 33 -7.88 11.52 12.23
CA LYS B 33 -8.71 10.49 12.82
C LYS B 33 -9.78 10.00 11.80
N GLN B 34 -10.39 10.94 11.05
CA GLN B 34 -11.41 10.57 10.08
C GLN B 34 -10.78 9.69 8.98
N VAL B 35 -9.62 10.10 8.47
CA VAL B 35 -8.92 9.39 7.40
C VAL B 35 -8.52 7.98 7.88
N MET B 36 -7.95 7.90 9.08
CA MET B 36 -7.52 6.57 9.60
C MET B 36 -8.67 5.59 9.79
N GLN B 37 -9.80 6.09 10.33
CA GLN B 37 -10.98 5.26 10.51
C GLN B 37 -11.56 4.80 9.17
N ALA B 38 -11.57 5.70 8.18
CA ALA B 38 -12.09 5.35 6.85
C ALA B 38 -11.17 4.34 6.20
N LEU B 39 -9.86 4.58 6.32
CA LEU B 39 -8.89 3.67 5.74
C LEU B 39 -9.08 2.26 6.39
N THR B 40 -9.26 2.21 7.70
CA THR B 40 -9.55 0.94 8.43
C THR B 40 -10.79 0.24 7.94
N ARG B 41 -11.89 0.98 7.78
CA ARG B 41 -13.15 0.39 7.38
C ARG B 41 -13.02 -0.23 6.00
N HIS B 42 -12.45 0.53 5.07
CA HIS B 42 -12.36 0.07 3.70
C HIS B 42 -11.34 -1.05 3.52
N LEU B 43 -10.25 -1.01 4.29
CA LEU B 43 -9.31 -2.12 4.23
C LEU B 43 -9.92 -3.42 4.71
N HIS B 44 -10.61 -3.41 5.86
CA HIS B 44 -11.21 -4.60 6.37
C HIS B 44 -12.38 -5.07 5.49
N ALA B 45 -13.13 -4.12 4.93
CA ALA B 45 -14.24 -4.45 4.03
C ALA B 45 -13.71 -5.23 2.81
N PHE B 46 -12.58 -4.78 2.25
CA PHE B 46 -11.86 -5.50 1.20
C PHE B 46 -11.48 -6.89 1.64
N LEU B 47 -10.78 -6.98 2.78
CA LEU B 47 -10.32 -8.28 3.26
C LEU B 47 -11.49 -9.26 3.43
N ARG B 48 -12.59 -8.78 4.01
CA ARG B 48 -13.73 -9.61 4.35
C ARG B 48 -14.57 -9.95 3.14
N GLU B 49 -14.55 -9.08 2.15
CA GLU B 49 -15.26 -9.33 0.88
C GLU B 49 -14.59 -10.47 0.10
N VAL B 50 -13.27 -10.42 -0.06
CA VAL B 50 -12.61 -11.45 -0.87
C VAL B 50 -12.21 -12.68 -0.07
N ARG B 51 -12.29 -12.58 1.27
CA ARG B 51 -11.74 -13.62 2.19
C ARG B 51 -10.28 -13.88 1.83
N LEU B 52 -9.47 -12.83 1.86
CA LEU B 52 -8.06 -12.92 1.45
C LEU B 52 -7.36 -14.09 2.16
N THR B 53 -6.62 -14.92 1.43
CA THR B 53 -5.86 -16.04 2.04
C THR B 53 -4.52 -15.55 2.56
N GLU B 54 -3.90 -16.38 3.38
CA GLU B 54 -2.56 -16.00 3.89
C GLU B 54 -1.55 -15.89 2.74
N ALA B 55 -1.64 -16.81 1.77
CA ALA B 55 -0.80 -16.72 0.55
C ALA B 55 -0.92 -15.42 -0.23
N GLU B 56 -2.17 -14.99 -0.49
CA GLU B 56 -2.46 -13.71 -1.14
C GLU B 56 -1.94 -12.56 -0.31
N TRP B 57 -2.13 -12.62 0.99
CA TRP B 57 -1.62 -11.56 1.85
C TRP B 57 -0.09 -11.45 1.61
N GLU B 58 0.60 -12.58 1.59
CA GLU B 58 2.06 -12.60 1.36
C GLU B 58 2.45 -12.00 0.04
N THR B 59 1.68 -12.34 -1.00
CA THR B 59 1.92 -11.80 -2.32
C THR B 59 1.76 -10.30 -2.33
N GLY B 60 0.74 -9.78 -1.62
CA GLY B 60 0.52 -8.33 -1.58
C GLY B 60 1.62 -7.58 -0.85
N ILE B 61 2.05 -8.14 0.26
CA ILE B 61 3.20 -7.58 1.00
C ILE B 61 4.50 -7.63 0.15
N GLY B 62 4.79 -8.78 -0.45
CA GLY B 62 5.93 -8.84 -1.39
C GLY B 62 5.91 -7.82 -2.53
N PHE B 63 4.72 -7.62 -3.07
CA PHE B 63 4.52 -6.58 -4.05
C PHE B 63 4.86 -5.15 -3.59
N LEU B 64 4.36 -4.77 -2.41
CA LEU B 64 4.67 -3.46 -1.82
C LEU B 64 6.18 -3.37 -1.56
N THR B 65 6.76 -4.47 -1.11
CA THR B 65 8.17 -4.52 -0.74
C THR B 65 9.04 -4.32 -1.98
N ASP B 66 8.65 -5.00 -3.06
CA ASP B 66 9.39 -4.87 -4.32
C ASP B 66 9.29 -3.46 -4.88
N ALA B 67 8.12 -2.84 -4.72
CA ALA B 67 7.89 -1.47 -5.17
C ALA B 67 8.75 -0.54 -4.34
N GLY B 68 8.83 -0.83 -3.05
CA GLY B 68 9.62 -0.01 -2.15
C GLY B 68 11.11 -0.03 -2.48
N HIS B 69 11.56 -1.04 -3.22
CA HIS B 69 12.99 -1.27 -3.47
C HIS B 69 13.35 -0.86 -4.92
N VAL B 70 12.38 -0.26 -5.64
CA VAL B 70 12.58 0.35 -6.96
C VAL B 70 13.23 1.75 -6.84
N THR B 71 12.70 2.61 -5.97
CA THR B 71 13.46 3.74 -5.35
C THR B 71 13.87 4.99 -6.18
N ASN B 72 13.29 6.14 -5.82
CA ASN B 72 13.19 7.37 -6.66
C ASN B 72 14.36 8.24 -7.13
N GLU B 73 14.07 9.03 -8.16
CA GLU B 73 15.04 9.84 -8.91
C GLU B 73 14.65 9.66 -10.39
N ARG B 74 13.43 10.13 -10.70
CA ARG B 74 12.62 9.76 -11.89
C ARG B 74 11.81 8.47 -11.71
N ARG B 75 12.40 7.44 -11.10
CA ARG B 75 11.68 6.18 -10.79
C ARG B 75 10.88 6.20 -9.46
N GLN B 76 9.59 6.46 -9.52
CA GLN B 76 8.77 6.38 -8.31
C GLN B 76 7.65 5.32 -8.42
N GLU B 77 7.93 4.13 -7.95
CA GLU B 77 7.01 2.98 -8.16
C GLU B 77 5.68 3.07 -7.37
N PHE B 78 5.67 3.71 -6.18
CA PHE B 78 4.40 3.89 -5.49
C PHE B 78 3.52 4.91 -6.19
N ILE B 79 4.12 5.94 -6.78
CA ILE B 79 3.33 6.81 -7.60
C ILE B 79 2.81 6.05 -8.80
N LEU B 80 3.66 5.26 -9.42
CA LEU B 80 3.21 4.52 -10.60
C LEU B 80 2.09 3.53 -10.22
N LEU B 81 2.18 2.96 -9.00
CA LEU B 81 1.15 2.05 -8.54
C LEU B 81 -0.15 2.82 -8.32
N SER B 82 -0.03 4.00 -7.70
CA SER B 82 -1.20 4.85 -7.56
C SER B 82 -1.78 5.20 -8.94
N ASP B 83 -0.90 5.40 -9.93
CA ASP B 83 -1.38 5.77 -11.27
C ASP B 83 -2.17 4.62 -11.86
N VAL B 84 -1.58 3.42 -11.86
CA VAL B 84 -2.23 2.32 -12.61
C VAL B 84 -3.46 1.76 -11.90
N LEU B 85 -3.63 2.12 -10.62
CA LEU B 85 -4.85 1.79 -9.86
C LEU B 85 -5.89 2.89 -9.92
N GLY B 86 -5.54 4.00 -10.60
CA GLY B 86 -6.44 5.10 -10.78
C GLY B 86 -6.56 6.03 -9.58
N ALA B 87 -5.83 5.74 -8.51
CA ALA B 87 -5.87 6.57 -7.30
C ALA B 87 -5.31 7.99 -7.57
N SER B 88 -4.28 8.11 -8.43
CA SER B 88 -3.75 9.43 -8.75
C SER B 88 -4.81 10.25 -9.49
N MET B 89 -5.44 9.69 -10.52
CA MET B 89 -6.39 10.46 -11.29
C MET B 89 -7.63 10.73 -10.47
N GLN B 90 -8.00 9.82 -9.55
CA GLN B 90 -9.14 10.13 -8.67
C GLN B 90 -8.85 11.34 -7.77
N THR B 91 -7.64 11.42 -7.26
CA THR B 91 -7.23 12.54 -6.40
C THR B 91 -7.25 13.84 -7.20
N ILE B 92 -6.81 13.76 -8.44
CA ILE B 92 -6.85 14.94 -9.33
C ILE B 92 -8.30 15.34 -9.50
N ALA B 93 -9.16 14.42 -9.88
CA ALA B 93 -10.53 14.82 -10.12
C ALA B 93 -11.16 15.52 -8.94
N MET B 94 -10.96 14.93 -7.76
CA MET B 94 -11.70 15.45 -6.60
C MET B 94 -11.19 16.86 -6.23
N ASN B 95 -9.96 17.14 -6.63
CA ASN B 95 -9.33 18.41 -6.28
C ASN B 95 -9.29 19.41 -7.44
N ASN B 96 -9.94 19.04 -8.53
CA ASN B 96 -10.10 19.90 -9.73
C ASN B 96 -11.54 19.69 -10.21
N GLU B 97 -12.46 20.07 -9.36
CA GLU B 97 -13.85 19.70 -9.61
C GLU B 97 -14.44 20.48 -10.79
N ALA B 98 -15.50 19.89 -11.33
CA ALA B 98 -16.22 20.46 -12.47
C ALA B 98 -16.65 21.88 -12.09
N HIS B 99 -16.44 22.78 -13.04
CA HIS B 99 -16.80 24.21 -12.92
C HIS B 99 -17.11 24.70 -14.34
N GLY B 100 -18.39 24.73 -14.70
CA GLY B 100 -18.76 25.01 -16.08
C GLY B 100 -18.00 24.18 -17.05
N ASP B 101 -17.47 24.78 -18.11
CA ASP B 101 -16.74 23.99 -19.08
C ASP B 101 -15.23 24.08 -18.87
N ALA B 102 -14.83 24.35 -17.63
CA ALA B 102 -13.40 24.31 -17.30
C ALA B 102 -12.80 23.01 -17.82
N THR B 103 -11.71 23.12 -18.55
CA THR B 103 -10.95 21.95 -19.05
C THR B 103 -10.61 20.96 -17.92
N GLU B 104 -10.72 19.66 -18.19
CA GLU B 104 -10.47 18.65 -17.15
C GLU B 104 -8.97 18.46 -16.93
N ALA B 105 -8.59 18.28 -15.66
CA ALA B 105 -7.18 18.12 -15.28
C ALA B 105 -6.76 16.66 -15.26
N THR B 106 -5.46 16.48 -15.27
CA THR B 106 -4.86 15.15 -15.17
C THR B 106 -3.63 15.26 -14.28
N VAL B 107 -2.98 14.13 -14.09
CA VAL B 107 -1.65 14.08 -13.45
C VAL B 107 -0.58 14.79 -14.31
N PHE B 108 0.55 15.17 -13.71
CA PHE B 108 1.71 15.65 -14.48
C PHE B 108 2.44 14.50 -15.22
N GLY B 109 2.47 13.31 -14.60
CA GLY B 109 3.42 12.30 -14.99
C GLY B 109 4.82 12.75 -14.53
N PRO B 110 5.84 11.95 -14.84
CA PRO B 110 7.15 12.15 -14.21
C PRO B 110 8.08 13.06 -15.02
N PHE B 111 7.62 13.59 -16.16
CA PHE B 111 8.53 14.23 -17.10
C PHE B 111 8.37 15.74 -17.27
N PHE B 112 7.75 16.39 -16.27
CA PHE B 112 7.69 17.85 -16.37
C PHE B 112 9.06 18.38 -15.88
N VAL B 113 9.53 19.44 -16.55
CA VAL B 113 10.79 20.06 -16.26
C VAL B 113 10.60 21.56 -16.01
N GLU B 114 11.12 22.03 -14.88
CA GLU B 114 11.25 23.45 -14.60
C GLU B 114 12.29 24.09 -15.52
N GLY B 115 12.09 25.35 -15.87
CA GLY B 115 12.99 26.06 -16.79
C GLY B 115 12.88 25.79 -18.28
N SER B 116 11.72 25.36 -18.78
CA SER B 116 11.59 25.08 -20.23
C SER B 116 11.93 26.34 -21.04
N PRO B 117 12.34 26.20 -22.31
CA PRO B 117 12.61 27.38 -23.15
C PRO B 117 11.35 28.20 -23.49
N ARG B 118 11.50 29.53 -23.56
CA ARG B 118 10.41 30.42 -23.98
C ARG B 118 10.37 30.42 -25.49
N ILE B 119 9.18 30.25 -26.07
CA ILE B 119 9.00 30.47 -27.50
C ILE B 119 7.95 31.58 -27.65
N GLU B 120 7.90 32.19 -28.83
CA GLU B 120 6.84 33.16 -29.14
C GLU B 120 5.73 32.29 -29.64
N SER B 121 4.50 32.80 -29.56
CA SER B 121 3.41 32.15 -30.25
C SER B 121 3.73 32.01 -31.74
N GLY B 122 3.50 30.82 -32.28
CA GLY B 122 3.88 30.48 -33.63
C GLY B 122 5.27 29.85 -33.72
N GLY B 123 6.01 29.83 -32.60
CA GLY B 123 7.32 29.19 -32.52
C GLY B 123 7.27 27.66 -32.63
N ASP B 124 8.40 27.01 -32.34
CA ASP B 124 8.51 25.53 -32.48
C ASP B 124 9.10 24.93 -31.21
N ILE B 125 8.42 23.92 -30.67
CA ILE B 125 8.89 23.32 -29.43
C ILE B 125 9.80 22.11 -29.71
N ALA B 126 9.81 21.63 -30.96
CA ALA B 126 10.58 20.40 -31.30
C ALA B 126 12.03 20.40 -30.81
N GLY B 127 12.77 21.45 -31.16
CA GLY B 127 14.15 21.60 -30.69
C GLY B 127 15.05 20.39 -30.93
N GLY B 128 14.81 19.71 -32.07
CA GLY B 128 15.63 18.60 -32.54
C GLY B 128 14.93 17.26 -32.45
N ALA B 129 13.72 17.26 -31.88
CA ALA B 129 12.96 16.03 -31.66
C ALA B 129 12.40 15.47 -32.96
N ALA B 130 12.50 14.15 -33.14
CA ALA B 130 12.03 13.51 -34.35
C ALA B 130 10.52 13.30 -34.34
N GLY B 131 9.92 13.38 -35.53
CA GLY B 131 8.48 13.15 -35.68
C GLY B 131 7.82 14.11 -36.66
N GLU B 132 6.58 13.78 -37.04
CA GLU B 132 5.74 14.61 -37.88
C GLU B 132 5.41 15.98 -37.23
N PRO B 133 5.70 17.07 -37.94
CA PRO B 133 5.29 18.40 -37.46
C PRO B 133 3.79 18.46 -37.22
N CYS B 134 3.43 19.09 -36.10
CA CYS B 134 2.03 19.25 -35.76
C CYS B 134 1.75 20.67 -35.27
N TRP B 135 0.80 21.32 -35.93
CA TRP B 135 0.40 22.67 -35.58
C TRP B 135 -0.70 22.58 -34.54
N VAL B 136 -0.44 23.15 -33.37
CA VAL B 136 -1.43 23.21 -32.31
C VAL B 136 -1.88 24.66 -32.13
N GLU B 137 -3.18 24.91 -32.05
CA GLU B 137 -3.61 26.29 -31.86
C GLU B 137 -4.90 26.30 -31.08
N GLY B 138 -5.24 27.47 -30.51
CA GLY B 138 -6.48 27.61 -29.78
C GLY B 138 -6.52 28.88 -28.97
N THR B 139 -7.49 28.97 -28.07
CA THR B 139 -7.64 30.12 -27.21
C THR B 139 -7.76 29.68 -25.76
N VAL B 140 -7.24 30.50 -24.86
CA VAL B 140 -7.42 30.33 -23.41
C VAL B 140 -8.50 31.32 -23.03
N THR B 141 -9.60 30.82 -22.47
CA THR B 141 -10.64 31.66 -21.88
C THR B 141 -10.88 31.30 -20.43
N ASP B 142 -11.68 32.11 -19.72
CA ASP B 142 -12.22 31.73 -18.42
C ASP B 142 -13.61 31.12 -18.55
N THR B 143 -14.21 30.72 -17.42
CA THR B 143 -15.48 29.98 -17.46
C THR B 143 -16.69 30.85 -17.78
N ASP B 144 -16.46 32.16 -17.91
CA ASP B 144 -17.47 33.07 -18.48
C ASP B 144 -17.22 33.43 -19.95
N GLY B 145 -16.17 32.86 -20.53
CA GLY B 145 -15.87 33.08 -21.92
C GLY B 145 -14.98 34.28 -22.26
N ASN B 146 -14.42 34.93 -21.25
CA ASN B 146 -13.48 36.02 -21.48
C ASN B 146 -12.12 35.44 -21.86
N PRO B 147 -11.50 35.96 -22.92
CA PRO B 147 -10.13 35.54 -23.28
C PRO B 147 -9.24 35.82 -22.09
N VAL B 148 -8.26 34.93 -21.87
CA VAL B 148 -7.26 35.13 -20.82
C VAL B 148 -5.91 35.45 -21.48
N PRO B 149 -5.56 36.73 -21.55
CA PRO B 149 -4.27 37.14 -22.11
C PRO B 149 -3.12 36.85 -21.14
N ASP B 150 -1.93 36.64 -21.70
CA ASP B 150 -0.71 36.39 -20.90
C ASP B 150 -0.74 35.16 -19.97
N ALA B 151 -1.59 34.19 -20.29
CA ALA B 151 -1.56 32.90 -19.57
C ALA B 151 -0.29 32.18 -19.99
N ARG B 152 0.40 31.61 -19.01
CA ARG B 152 1.63 30.85 -19.21
C ARG B 152 1.29 29.40 -19.51
N ILE B 153 1.58 29.00 -20.74
CA ILE B 153 1.30 27.67 -21.27
C ILE B 153 2.61 26.88 -21.38
N GLU B 154 2.73 25.84 -20.57
CA GLU B 154 3.81 24.83 -20.70
C GLU B 154 3.29 23.66 -21.47
N VAL B 155 4.14 23.16 -22.36
CA VAL B 155 3.80 22.00 -23.16
C VAL B 155 5.02 21.09 -23.20
N TRP B 156 4.79 19.77 -23.15
CA TRP B 156 5.90 18.82 -23.28
C TRP B 156 5.36 17.54 -23.86
N GLU B 157 6.20 16.80 -24.57
CA GLU B 157 5.73 15.54 -25.14
C GLU B 157 6.94 14.66 -25.46
N ALA B 158 6.68 13.38 -25.63
CA ALA B 158 7.68 12.40 -26.12
C ALA B 158 7.92 12.56 -27.62
N ASP B 159 9.13 12.20 -28.07
CA ASP B 159 9.44 12.18 -29.50
C ASP B 159 8.93 10.89 -30.19
N ASP B 160 9.29 10.73 -31.46
CA ASP B 160 8.86 9.59 -32.26
C ASP B 160 9.34 8.23 -31.73
N ASP B 161 10.37 8.22 -30.87
CA ASP B 161 10.85 6.96 -30.28
C ASP B 161 10.22 6.73 -28.91
N GLY B 162 9.26 7.59 -28.56
CA GLY B 162 8.63 7.54 -27.26
C GLY B 162 9.47 8.00 -26.11
N PHE B 163 10.48 8.83 -26.37
CA PHE B 163 11.28 9.35 -25.25
C PHE B 163 11.10 10.87 -25.02
N TYR B 164 11.06 11.27 -23.75
CA TYR B 164 11.16 12.66 -23.36
C TYR B 164 12.63 13.07 -23.30
N ASP B 165 12.90 14.34 -23.58
CA ASP B 165 14.27 14.82 -23.68
C ASP B 165 15.17 14.38 -22.53
N VAL B 166 14.68 14.49 -21.30
CA VAL B 166 15.47 14.13 -20.11
C VAL B 166 15.86 12.64 -20.05
N GLN B 167 15.24 11.78 -20.86
CA GLN B 167 15.57 10.34 -20.84
C GLN B 167 16.86 10.03 -21.61
N TYR B 168 17.30 10.98 -22.43
CA TYR B 168 18.58 10.80 -23.12
C TYR B 168 19.75 11.06 -22.16
N ASP B 169 20.93 10.57 -22.47
CA ASP B 169 22.03 10.77 -21.50
C ASP B 169 22.78 12.12 -21.63
N ASP B 170 22.40 12.95 -22.59
CA ASP B 170 23.23 14.11 -22.95
C ASP B 170 22.76 15.51 -22.51
N ASP B 171 21.81 15.60 -21.58
CA ASP B 171 21.34 16.93 -21.13
C ASP B 171 20.66 17.77 -22.23
N ARG B 172 20.12 17.12 -23.27
CA ARG B 172 19.41 17.88 -24.31
C ARG B 172 18.05 18.38 -23.82
N THR B 173 17.54 19.41 -24.51
CA THR B 173 16.17 19.91 -24.33
C THR B 173 15.44 19.76 -25.66
N ALA B 174 14.25 19.16 -25.63
CA ALA B 174 13.52 18.87 -26.88
C ALA B 174 12.06 18.61 -26.59
N ALA B 175 11.20 18.98 -27.54
CA ALA B 175 9.74 18.70 -27.46
C ALA B 175 9.16 19.24 -26.14
N ARG B 176 9.55 20.47 -25.82
CA ARG B 176 9.30 21.05 -24.52
C ARG B 176 9.50 22.56 -24.61
N ALA B 177 8.51 23.34 -24.16
CA ALA B 177 8.65 24.80 -24.13
C ALA B 177 7.52 25.48 -23.32
N HIS B 178 7.57 26.80 -23.18
CA HIS B 178 6.39 27.55 -22.77
C HIS B 178 6.24 28.79 -23.58
N LEU B 179 5.02 29.36 -23.55
CA LEU B 179 4.68 30.54 -24.32
C LEU B 179 3.55 31.25 -23.59
N LEU B 180 3.28 32.49 -23.97
CA LEU B 180 2.23 33.30 -23.32
C LEU B 180 1.08 33.48 -24.29
N SER B 181 -0.16 33.40 -23.81
CA SER B 181 -1.30 33.60 -24.70
C SER B 181 -1.32 35.06 -25.10
N GLY B 182 -1.91 35.30 -26.27
CA GLY B 182 -2.04 36.63 -26.83
C GLY B 182 -3.13 37.49 -26.20
N PRO B 183 -3.26 38.72 -26.69
CA PRO B 183 -4.28 39.65 -26.17
C PRO B 183 -5.71 39.11 -26.33
N ASP B 184 -5.94 38.26 -27.32
CA ASP B 184 -7.24 37.65 -27.58
C ASP B 184 -7.28 36.23 -27.01
N GLY B 185 -6.29 35.91 -26.19
CA GLY B 185 -6.23 34.62 -25.53
C GLY B 185 -5.62 33.56 -26.42
N GLY B 186 -5.29 33.92 -27.66
CA GLY B 186 -4.88 32.96 -28.65
C GLY B 186 -3.45 32.48 -28.41
N TYR B 187 -3.22 31.24 -28.81
CA TYR B 187 -1.90 30.63 -28.76
C TYR B 187 -1.76 29.65 -29.93
N ALA B 188 -0.52 29.44 -30.33
CA ALA B 188 -0.23 28.42 -31.31
C ALA B 188 1.26 28.10 -31.24
N PHE B 189 1.59 26.88 -31.66
CA PHE B 189 2.98 26.51 -31.83
C PHE B 189 3.12 25.27 -32.68
N TRP B 190 4.33 25.08 -33.23
CA TRP B 190 4.68 23.82 -33.88
C TRP B 190 5.14 22.83 -32.80
N ALA B 191 4.66 21.61 -32.90
CA ALA B 191 5.06 20.51 -32.03
C ALA B 191 5.22 19.27 -32.92
N ILE B 192 5.15 18.08 -32.30
CA ILE B 192 5.24 16.78 -32.97
C ILE B 192 3.96 15.99 -32.74
N THR B 193 3.46 15.35 -33.78
CA THR B 193 2.26 14.56 -33.67
C THR B 193 2.62 13.45 -32.71
N PRO B 194 1.88 13.36 -31.59
CA PRO B 194 2.25 12.43 -30.51
C PRO B 194 1.97 10.99 -30.87
N THR B 195 2.79 10.07 -30.36
CA THR B 195 2.55 8.64 -30.51
C THR B 195 2.68 7.91 -29.16
N PRO B 196 2.12 6.71 -29.09
CA PRO B 196 2.12 5.97 -27.83
C PRO B 196 3.51 5.56 -27.37
N TYR B 197 3.69 5.49 -26.05
CA TYR B 197 4.94 4.99 -25.47
C TYR B 197 4.52 4.29 -24.15
N PRO B 198 5.36 3.38 -23.65
CA PRO B 198 5.08 2.71 -22.36
C PRO B 198 5.59 3.39 -21.12
N ILE B 199 4.78 3.28 -20.07
CA ILE B 199 5.26 3.64 -18.74
C ILE B 199 6.28 2.60 -18.30
N PRO B 200 7.11 2.95 -17.32
CA PRO B 200 8.09 1.98 -16.81
C PRO B 200 7.41 0.69 -16.41
N HIS B 201 7.88 -0.41 -16.99
CA HIS B 201 7.26 -1.72 -16.84
C HIS B 201 8.24 -2.82 -16.35
N ASP B 202 9.48 -2.45 -15.98
CA ASP B 202 10.43 -3.47 -15.51
C ASP B 202 10.38 -3.68 -13.98
N GLY B 203 9.39 -3.10 -13.32
CA GLY B 203 9.25 -3.25 -11.88
C GLY B 203 7.94 -3.99 -11.54
N PRO B 204 7.57 -4.06 -10.26
CA PRO B 204 6.34 -4.74 -9.85
C PRO B 204 5.09 -4.18 -10.49
N VAL B 205 5.01 -2.88 -10.77
CA VAL B 205 3.88 -2.37 -11.53
C VAL B 205 3.77 -3.08 -12.87
N GLY B 206 4.90 -3.17 -13.59
CA GLY B 206 4.93 -3.91 -14.85
C GLY B 206 4.49 -5.36 -14.68
N ARG B 207 4.92 -6.00 -13.58
CA ARG B 207 4.60 -7.39 -13.26
C ARG B 207 3.09 -7.54 -13.03
N MET B 208 2.51 -6.58 -12.30
CA MET B 208 1.05 -6.58 -12.05
C MET B 208 0.31 -6.40 -13.36
N LEU B 209 0.78 -5.48 -14.20
CA LEU B 209 0.07 -5.25 -15.48
C LEU B 209 0.12 -6.51 -16.37
N ALA B 210 1.29 -7.14 -16.42
CA ALA B 210 1.46 -8.36 -17.21
C ALA B 210 0.54 -9.48 -16.68
N ALA B 211 0.50 -9.62 -15.37
CA ALA B 211 -0.38 -10.62 -14.74
C ALA B 211 -1.90 -10.34 -14.92
N THR B 212 -2.27 -9.09 -15.24
CA THR B 212 -3.66 -8.77 -15.41
C THR B 212 -4.01 -8.50 -16.86
N GLY B 213 -3.13 -8.84 -17.79
CA GLY B 213 -3.51 -8.65 -19.19
C GLY B 213 -3.57 -7.18 -19.62
N ARG B 214 -2.87 -6.31 -18.89
CA ARG B 214 -2.90 -4.88 -19.14
C ARG B 214 -1.59 -4.45 -19.78
N SER B 215 -1.68 -3.51 -20.71
CA SER B 215 -0.51 -3.03 -21.42
C SER B 215 0.05 -1.79 -20.68
N PRO B 216 1.35 -1.60 -20.61
CA PRO B 216 1.87 -0.36 -20.01
C PRO B 216 1.70 0.90 -20.93
N MET B 217 1.25 0.71 -22.15
CA MET B 217 1.19 1.78 -23.17
C MET B 217 0.29 2.95 -22.75
N ARG B 218 0.82 4.16 -22.91
CA ARG B 218 0.03 5.38 -22.83
C ARG B 218 -0.62 5.69 -24.18
N ALA B 219 -1.90 6.08 -24.19
CA ALA B 219 -2.51 6.67 -25.40
C ALA B 219 -1.70 7.91 -25.77
N SER B 220 -1.57 8.20 -27.07
CA SER B 220 -0.76 9.32 -27.57
C SER B 220 -1.23 10.62 -26.96
N HIS B 221 -0.31 11.48 -26.53
CA HIS B 221 -0.72 12.76 -25.92
C HIS B 221 0.34 13.85 -25.97
N LEU B 222 -0.16 15.08 -25.82
CA LEU B 222 0.67 16.24 -25.43
C LEU B 222 0.32 16.59 -24.02
N HIS B 223 1.31 16.97 -23.22
CA HIS B 223 1.01 17.46 -21.88
C HIS B 223 0.90 18.98 -21.94
N PHE B 224 0.02 19.57 -21.12
CA PHE B 224 -0.02 21.02 -20.86
C PHE B 224 -0.05 21.37 -19.38
N MET B 225 0.61 22.49 -19.02
CA MET B 225 0.32 23.17 -17.77
C MET B 225 0.07 24.63 -18.07
N VAL B 226 -1.03 25.16 -17.53
CA VAL B 226 -1.48 26.54 -17.83
C VAL B 226 -1.77 27.26 -16.52
N THR B 227 -1.14 28.42 -16.35
CA THR B 227 -1.33 29.22 -15.15
C THR B 227 -1.60 30.67 -15.59
N ALA B 228 -2.36 31.37 -14.73
CA ALA B 228 -2.79 32.75 -15.00
C ALA B 228 -3.27 33.29 -13.68
N PRO B 229 -2.96 34.56 -13.39
CA PRO B 229 -3.35 35.18 -12.11
C PRO B 229 -4.84 35.12 -11.95
N GLY B 230 -5.30 34.62 -10.80
CA GLY B 230 -6.71 34.54 -10.52
C GLY B 230 -7.40 33.27 -10.98
N ARG B 231 -6.72 32.49 -11.82
CA ARG B 231 -7.28 31.27 -12.38
C ARG B 231 -6.82 30.01 -11.66
N ARG B 232 -7.64 28.97 -11.69
CA ARG B 232 -7.23 27.66 -11.17
C ARG B 232 -6.24 27.05 -12.18
N THR B 233 -5.02 26.82 -11.70
CA THR B 233 -4.00 26.18 -12.50
C THR B 233 -4.53 24.88 -13.08
N LEU B 234 -4.23 24.67 -14.36
CA LEU B 234 -4.59 23.42 -15.09
C LEU B 234 -3.36 22.64 -15.47
N VAL B 235 -3.32 21.38 -15.04
CA VAL B 235 -2.37 20.42 -15.56
C VAL B 235 -3.20 19.41 -16.33
N THR B 236 -2.83 19.10 -17.57
CA THR B 236 -3.68 18.25 -18.39
C THR B 236 -2.93 17.58 -19.56
N HIS B 237 -3.68 16.80 -20.35
CA HIS B 237 -3.18 16.08 -21.52
C HIS B 237 -4.21 16.33 -22.58
N ILE B 238 -3.79 16.30 -23.83
CA ILE B 238 -4.79 16.04 -24.86
C ILE B 238 -4.42 14.80 -25.64
N PHE B 239 -5.46 14.10 -26.09
CA PHE B 239 -5.29 12.81 -26.75
C PHE B 239 -5.77 12.87 -28.22
N VAL B 240 -5.53 11.79 -28.96
CA VAL B 240 -5.74 11.75 -30.41
C VAL B 240 -7.01 10.99 -30.80
N GLU B 241 -7.96 11.68 -31.40
CA GLU B 241 -9.22 11.04 -31.78
C GLU B 241 -8.90 9.83 -32.67
N GLY B 242 -9.52 8.68 -32.41
CA GLY B 242 -9.29 7.45 -33.17
C GLY B 242 -8.09 6.60 -32.76
N ASP B 243 -7.35 7.06 -31.75
CA ASP B 243 -6.26 6.26 -31.20
C ASP B 243 -6.90 4.99 -30.63
N GLU B 244 -6.35 3.84 -31.02
CA GLU B 244 -6.80 2.55 -30.55
C GLU B 244 -6.68 2.45 -29.03
N LEU B 245 -5.75 3.22 -28.47
CA LEU B 245 -5.41 3.12 -27.05
C LEU B 245 -6.32 3.94 -26.14
N LEU B 246 -7.26 4.67 -26.73
CA LEU B 246 -8.05 5.60 -25.93
C LEU B 246 -8.77 4.94 -24.74
N ASP B 247 -9.22 3.70 -24.88
CA ASP B 247 -9.93 3.10 -23.74
C ASP B 247 -9.08 2.11 -23.00
N ARG B 248 -7.76 2.21 -23.16
CA ARG B 248 -6.86 1.42 -22.35
C ARG B 248 -5.60 2.17 -22.01
N ASP B 249 -5.75 3.43 -21.62
CA ASP B 249 -4.63 4.16 -21.10
C ASP B 249 -4.20 3.61 -19.76
N SER B 250 -2.92 3.34 -19.62
CA SER B 250 -2.44 2.55 -18.51
C SER B 250 -2.57 3.31 -17.20
N VAL B 251 -2.62 4.66 -17.27
CA VAL B 251 -2.70 5.45 -16.03
C VAL B 251 -4.01 6.25 -15.93
N PHE B 252 -4.96 5.93 -16.81
CA PHE B 252 -6.29 6.53 -16.85
C PHE B 252 -6.24 8.03 -17.06
N GLY B 253 -5.31 8.50 -17.91
CA GLY B 253 -5.20 9.93 -18.17
C GLY B 253 -6.32 10.42 -19.09
N VAL B 254 -6.95 9.49 -19.81
CA VAL B 254 -7.89 9.88 -20.83
C VAL B 254 -9.23 10.26 -20.24
N LYS B 255 -9.74 11.41 -20.67
CA LYS B 255 -11.15 11.81 -20.51
C LYS B 255 -11.70 12.02 -21.91
N ASP B 256 -12.98 11.69 -22.13
CA ASP B 256 -13.64 11.94 -23.42
C ASP B 256 -13.43 13.40 -23.86
N SER B 257 -13.52 14.32 -22.89
CA SER B 257 -13.44 15.77 -23.18
C SER B 257 -12.05 16.24 -23.67
N LEU B 258 -11.04 15.42 -23.46
CA LEU B 258 -9.67 15.79 -23.76
C LEU B 258 -9.23 15.15 -25.05
N VAL B 259 -10.11 14.38 -25.67
CA VAL B 259 -9.80 13.81 -26.98
C VAL B 259 -10.05 14.85 -28.08
N LYS B 260 -9.00 15.08 -28.88
CA LYS B 260 -9.02 16.09 -29.92
C LYS B 260 -8.69 15.52 -31.29
N SER B 261 -9.15 16.22 -32.32
CA SER B 261 -9.03 15.74 -33.67
C SER B 261 -7.72 16.27 -34.25
N PHE B 262 -6.78 15.36 -34.42
CA PHE B 262 -5.51 15.65 -35.04
C PHE B 262 -5.63 15.28 -36.52
N GLU B 263 -5.78 16.29 -37.36
CA GLU B 263 -6.19 16.09 -38.75
C GLU B 263 -4.94 16.12 -39.62
N ARG B 264 -4.64 15.03 -40.30
CA ARG B 264 -3.48 15.01 -41.21
C ARG B 264 -3.85 15.81 -42.48
N GLN B 265 -2.92 16.60 -43.00
CA GLN B 265 -3.26 17.63 -44.00
C GLN B 265 -3.29 17.30 -45.52
N PRO B 266 -2.21 16.72 -46.07
CA PRO B 266 -1.97 16.58 -47.53
C PRO B 266 -1.53 17.88 -48.21
N ALA B 269 -2.73 22.07 -49.37
CA ALA B 269 -2.53 22.12 -47.93
C ALA B 269 -1.42 23.11 -47.56
N PRO B 270 -1.80 24.39 -47.41
CA PRO B 270 -0.83 25.45 -47.08
C PRO B 270 -0.58 25.62 -45.56
N THR B 271 0.69 25.79 -45.23
CA THR B 271 1.16 25.85 -43.85
C THR B 271 0.81 27.19 -43.18
N PRO B 272 0.31 27.17 -41.93
CA PRO B 272 0.12 28.40 -41.15
C PRO B 272 1.45 29.08 -40.87
N GLY B 273 1.61 30.33 -41.30
CA GLY B 273 2.83 31.08 -41.08
C GLY B 273 3.96 30.75 -42.04
N GLY B 274 3.64 29.94 -43.06
CA GLY B 274 4.56 29.64 -44.16
C GLY B 274 5.77 28.82 -43.78
N GLU B 276 6.22 26.07 -43.46
CA GLU B 276 7.68 26.09 -43.41
C GLU B 276 8.17 25.17 -44.51
N ILE B 277 8.82 24.09 -44.11
CA ILE B 277 9.19 23.00 -45.03
C ILE B 277 7.98 22.11 -45.25
N ASP B 278 8.20 20.91 -45.80
CA ASP B 278 7.11 19.98 -46.01
C ASP B 278 7.48 18.49 -45.91
N GLY B 279 6.64 17.64 -46.52
CA GLY B 279 6.37 16.30 -46.02
C GLY B 279 4.98 16.40 -45.34
N PRO B 280 4.44 15.30 -44.83
CA PRO B 280 3.13 15.37 -44.17
C PRO B 280 3.19 16.16 -42.86
N TRP B 281 2.05 16.74 -42.50
CA TRP B 281 1.90 17.45 -41.21
C TRP B 281 0.46 17.41 -40.76
N SER B 282 0.28 17.49 -39.43
CA SER B 282 -1.04 17.44 -38.83
C SER B 282 -1.32 18.77 -38.15
N ARG B 283 -2.59 19.03 -37.89
CA ARG B 283 -2.97 20.18 -37.10
C ARG B 283 -4.06 19.87 -36.07
N VAL B 284 -4.03 20.57 -34.94
CA VAL B 284 -5.04 20.35 -33.92
C VAL B 284 -5.51 21.66 -33.31
N ARG B 285 -6.80 21.73 -33.02
CA ARG B 285 -7.34 22.79 -32.22
C ARG B 285 -7.56 22.38 -30.75
N PHE B 286 -7.01 23.16 -29.82
CA PHE B 286 -7.27 22.93 -28.39
C PHE B 286 -7.63 24.24 -27.69
N ASP B 287 -8.91 24.40 -27.38
CA ASP B 287 -9.39 25.56 -26.63
C ASP B 287 -9.38 25.23 -25.17
N ILE B 288 -8.72 26.09 -24.39
CA ILE B 288 -8.50 25.88 -22.96
C ILE B 288 -9.38 26.82 -22.14
N VAL B 289 -10.03 26.26 -21.14
CA VAL B 289 -10.95 27.05 -20.32
C VAL B 289 -10.57 26.91 -18.84
N LEU B 290 -10.33 28.05 -18.16
CA LEU B 290 -9.81 28.04 -16.80
C LEU B 290 -10.85 28.50 -15.77
N ALA B 291 -11.03 27.70 -14.72
CA ALA B 291 -11.91 28.05 -13.60
C ALA B 291 -11.23 29.16 -12.70
N PRO B 292 -12.02 29.82 -11.83
CA PRO B 292 -11.42 30.78 -10.86
C PRO B 292 -10.57 30.04 -9.82
N ALA B 293 -9.50 30.67 -9.33
CA ALA B 293 -8.56 30.06 -8.38
C ALA B 293 -9.31 29.59 -7.14
#